data_2W86
#
_entry.id   2W86
#
_cell.length_a   31.232
_cell.length_b   47.258
_cell.length_c   89.105
_cell.angle_alpha   90.00
_cell.angle_beta   90.00
_cell.angle_gamma   90.00
#
_symmetry.space_group_name_H-M   'P 21 21 21'
#
loop_
_entity.id
_entity.type
_entity.pdbx_description
1 polymer FIBRILLIN-1
2 non-polymer 'CALCIUM ION'
3 non-polymer 'IODIDE ION'
4 water water
#
_entity_poly.entity_id   1
_entity_poly.type   'polypeptide(L)'
_entity_poly.pdbx_seq_one_letter_code
;SADIDECESSPCINGVCKNSPGSFICECSSESTLDPTKTICIETIKGTCWQTVIDGRCEININGATLKSQCCSSLGAAWG
SPCTLCQVDPICGKGYSRIKGTQCEDIDECEVFPGVCKNGLCVNTRGSFKCQCPSGMTLDATGRICL
;
_entity_poly.pdbx_strand_id   A
#
loop_
_chem_comp.id
_chem_comp.type
_chem_comp.name
_chem_comp.formula
CA non-polymer 'CALCIUM ION' 'Ca 2'
IOD non-polymer 'IODIDE ION' 'I -1'
#
# COMPACT_ATOMS: atom_id res chain seq x y z
N SER A 1 17.00 30.53 17.58
CA SER A 1 15.74 30.01 17.06
C SER A 1 15.99 28.92 16.03
N ALA A 2 15.06 27.98 15.91
CA ALA A 2 15.15 26.95 14.89
C ALA A 2 13.77 26.67 14.33
N ASP A 3 13.74 26.25 13.07
CA ASP A 3 12.49 25.83 12.47
C ASP A 3 12.16 24.43 12.92
N ILE A 4 10.88 24.16 13.17
CA ILE A 4 10.46 22.80 13.48
C ILE A 4 10.48 21.98 12.19
N ASP A 5 11.01 20.76 12.25
CA ASP A 5 10.90 19.87 11.11
C ASP A 5 9.66 18.97 11.27
N GLU A 6 8.52 19.43 10.77
CA GLU A 6 7.28 18.68 10.88
C GLU A 6 7.30 17.33 10.18
N CYS A 7 8.22 17.17 9.23
CA CYS A 7 8.28 15.96 8.44
C CYS A 7 8.64 14.71 9.26
N GLU A 8 9.25 14.95 10.41
CA GLU A 8 9.64 13.86 11.30
C GLU A 8 8.43 13.10 11.82
N SER A 9 7.26 13.72 11.74
N SER A 9 7.29 13.76 11.65
CA SER A 9 6.04 13.12 12.25
CA SER A 9 6.07 13.15 12.16
C SER A 9 5.25 12.43 11.15
C SER A 9 5.28 12.47 11.05
N SER A 10 5.82 12.37 9.95
CA SER A 10 5.17 11.77 8.78
C SER A 10 3.76 12.33 8.57
N PRO A 11 3.63 13.65 8.50
CA PRO A 11 2.31 14.29 8.37
C PRO A 11 1.68 14.14 6.98
N CYS A 12 2.47 13.76 5.98
CA CYS A 12 1.96 13.73 4.60
C CYS A 12 1.50 12.33 4.20
N ILE A 13 0.21 12.07 4.40
CA ILE A 13 -0.37 10.76 4.12
C ILE A 13 -0.32 10.42 2.63
N ASN A 14 0.36 9.33 2.29
CA ASN A 14 0.51 8.94 0.88
C ASN A 14 1.24 9.97 0.04
N GLY A 15 2.06 10.80 0.69
CA GLY A 15 2.79 11.84 -0.02
C GLY A 15 4.21 11.95 0.46
N VAL A 16 4.96 12.90 -0.11
N VAL A 16 4.98 12.94 -0.20
CA VAL A 16 6.28 13.23 0.38
CA VAL A 16 6.30 13.26 0.30
C VAL A 16 6.26 14.57 1.08
C VAL A 16 6.28 14.61 0.99
N CYS A 17 6.85 14.63 2.26
CA CYS A 17 6.87 15.85 3.06
C CYS A 17 8.12 16.65 2.75
N LYS A 18 7.96 17.95 2.58
CA LYS A 18 9.09 18.85 2.43
C LYS A 18 9.02 19.94 3.50
N ASN A 19 10.03 19.98 4.35
CA ASN A 19 10.05 20.98 5.40
C ASN A 19 10.20 22.38 4.81
N SER A 20 9.61 23.38 5.46
CA SER A 20 9.79 24.76 5.03
C SER A 20 9.85 25.65 6.27
N PRO A 21 10.29 26.90 6.09
CA PRO A 21 10.36 27.80 7.23
C PRO A 21 8.99 28.17 7.76
N GLY A 22 8.69 27.69 8.95
CA GLY A 22 7.45 27.95 9.67
C GLY A 22 6.33 26.97 9.38
N SER A 23 6.55 26.09 8.43
CA SER A 23 5.54 25.15 7.99
C SER A 23 6.18 23.96 7.27
N PHE A 24 5.35 23.20 6.58
CA PHE A 24 5.81 22.09 5.78
C PHE A 24 4.91 22.00 4.55
N ILE A 25 5.35 21.26 3.55
CA ILE A 25 4.60 21.10 2.32
C ILE A 25 4.50 19.62 2.00
N CYS A 26 3.31 19.17 1.62
CA CYS A 26 3.15 17.80 1.15
C CYS A 26 3.12 17.80 -0.37
N GLU A 27 3.82 16.87 -0.99
CA GLU A 27 3.80 16.73 -2.45
C GLU A 27 3.25 15.36 -2.85
N CYS A 28 2.41 15.36 -3.89
CA CYS A 28 1.81 14.12 -4.35
C CYS A 28 2.44 13.71 -5.68
N SER A 29 2.50 12.41 -5.92
CA SER A 29 2.92 11.94 -7.23
C SER A 29 1.76 12.10 -8.21
N SER A 30 2.00 11.76 -9.46
CA SER A 30 1.02 12.00 -10.48
C SER A 30 -0.25 11.15 -10.41
N GLU A 31 -0.27 10.14 -9.57
CA GLU A 31 -1.41 9.26 -9.40
C GLU A 31 -2.36 9.73 -8.29
N SER A 32 -2.07 10.87 -7.72
CA SER A 32 -2.84 11.39 -6.60
C SER A 32 -2.89 12.90 -6.55
N THR A 33 -3.76 13.44 -5.71
CA THR A 33 -3.91 14.87 -5.61
C THR A 33 -4.20 15.29 -4.17
N LEU A 34 -3.75 16.48 -3.78
CA LEU A 34 -3.89 16.93 -2.39
C LEU A 34 -5.33 17.17 -1.97
N ASP A 35 -5.64 16.84 -0.72
CA ASP A 35 -6.94 17.13 -0.15
C ASP A 35 -7.01 18.59 0.25
N PRO A 36 -8.19 19.04 0.74
CA PRO A 36 -8.34 20.45 1.14
C PRO A 36 -7.32 20.89 2.20
N THR A 37 -6.95 20.00 3.13
CA THR A 37 -6.03 20.37 4.20
C THR A 37 -4.59 20.37 3.73
N LYS A 38 -4.37 19.86 2.52
CA LYS A 38 -3.05 19.81 1.89
C LYS A 38 -2.07 18.88 2.60
N THR A 39 -2.59 17.85 3.25
CA THR A 39 -1.75 16.92 4.00
C THR A 39 -2.04 15.46 3.65
N ILE A 40 -3.00 15.25 2.75
CA ILE A 40 -3.29 13.90 2.29
C ILE A 40 -3.33 13.84 0.76
N CYS A 41 -2.58 12.91 0.20
CA CYS A 41 -2.63 12.66 -1.23
C CYS A 41 -3.72 11.65 -1.51
N ILE A 42 -4.81 12.12 -2.12
CA ILE A 42 -5.94 11.27 -2.45
C ILE A 42 -5.67 10.56 -3.77
N GLU A 43 -5.69 9.23 -3.75
N GLU A 43 -5.66 9.26 -3.84
CA GLU A 43 -5.40 8.43 -4.94
CA GLU A 43 -5.38 8.47 -5.03
C GLU A 43 -6.43 8.68 -6.05
C GLU A 43 -6.41 8.71 -6.14
N THR A 44 -5.96 8.99 -7.24
CA THR A 44 -6.83 9.32 -8.37
C THR A 44 -6.66 8.37 -9.54
N ILE A 45 -5.51 7.69 -9.59
CA ILE A 45 -5.22 6.79 -10.70
C ILE A 45 -4.69 5.46 -10.19
N LYS A 46 -5.30 4.38 -10.69
CA LYS A 46 -4.87 3.03 -10.32
C LYS A 46 -3.71 2.60 -11.20
N GLY A 47 -3.01 1.54 -10.77
CA GLY A 47 -1.86 1.07 -11.53
C GLY A 47 -1.53 -0.37 -11.17
N THR A 48 -0.49 -0.90 -11.80
CA THR A 48 -0.16 -2.31 -11.59
C THR A 48 0.55 -2.57 -10.27
N CYS A 49 0.08 -3.56 -9.55
CA CYS A 49 0.76 -4.00 -8.35
C CYS A 49 1.69 -5.15 -8.72
N TRP A 50 2.99 -4.99 -8.47
CA TRP A 50 3.96 -6.01 -8.83
C TRP A 50 4.35 -6.85 -7.63
N GLN A 51 4.42 -8.15 -7.81
CA GLN A 51 4.75 -9.03 -6.71
C GLN A 51 6.23 -9.10 -6.42
N THR A 52 7.06 -8.85 -7.44
CA THR A 52 8.49 -8.95 -7.26
C THR A 52 9.30 -7.84 -7.93
N VAL A 53 10.49 -7.62 -7.40
CA VAL A 53 11.45 -6.76 -8.02
C VAL A 53 12.66 -7.60 -8.32
N ILE A 54 13.16 -7.51 -9.55
CA ILE A 54 14.30 -8.30 -9.92
C ILE A 54 15.21 -7.49 -10.82
N ASP A 55 16.49 -7.45 -10.49
CA ASP A 55 17.43 -6.64 -11.23
C ASP A 55 16.91 -5.21 -11.23
N GLY A 56 16.77 -4.61 -12.39
CA GLY A 56 16.30 -3.23 -12.46
C GLY A 56 14.85 -3.09 -12.86
N ARG A 57 14.06 -4.14 -12.66
CA ARG A 57 12.68 -4.13 -13.12
C ARG A 57 11.73 -4.74 -12.10
N CYS A 58 10.44 -4.58 -12.37
CA CYS A 58 9.38 -5.16 -11.56
C CYS A 58 8.66 -6.23 -12.36
N GLU A 59 8.33 -7.34 -11.72
CA GLU A 59 7.68 -8.46 -12.39
C GLU A 59 6.52 -9.04 -11.61
N ILE A 60 5.70 -9.81 -12.30
CA ILE A 60 4.54 -10.50 -11.72
C ILE A 60 3.43 -9.53 -11.37
N ASN A 61 2.62 -9.23 -12.37
CA ASN A 61 1.47 -8.37 -12.22
C ASN A 61 0.37 -9.13 -11.51
N ILE A 62 0.12 -8.80 -10.25
CA ILE A 62 -0.88 -9.53 -9.48
C ILE A 62 -2.27 -8.88 -9.56
N ASN A 63 -2.28 -7.65 -10.02
CA ASN A 63 -3.51 -6.90 -10.27
C ASN A 63 -3.14 -5.63 -11.03
N GLY A 64 -3.73 -5.45 -12.19
CA GLY A 64 -3.40 -4.31 -13.03
C GLY A 64 -4.02 -3.01 -12.57
N ALA A 65 -4.91 -3.08 -11.59
CA ALA A 65 -5.63 -1.90 -11.19
C ALA A 65 -5.79 -1.81 -9.70
N THR A 66 -4.75 -1.38 -9.03
N THR A 66 -4.74 -1.39 -9.02
CA THR A 66 -4.80 -1.20 -7.60
CA THR A 66 -4.79 -1.17 -7.59
C THR A 66 -4.44 0.22 -7.23
C THR A 66 -4.43 0.26 -7.26
N LEU A 67 -4.95 0.62 -6.09
N LEU A 67 -4.96 0.72 -6.13
CA LEU A 67 -4.54 1.84 -5.44
CA LEU A 67 -4.50 1.92 -5.47
C LEU A 67 -3.14 1.54 -4.92
C LEU A 67 -3.08 1.65 -4.97
N LYS A 68 -2.24 2.45 -5.17
CA LYS A 68 -0.85 2.29 -4.72
C LYS A 68 -0.79 2.03 -3.23
N SER A 69 -1.54 2.79 -2.46
CA SER A 69 -1.53 2.64 -1.01
C SER A 69 -2.00 1.25 -0.57
N GLN A 70 -2.89 0.64 -1.33
CA GLN A 70 -3.40 -0.68 -1.00
C GLN A 70 -2.37 -1.72 -1.36
N CYS A 71 -1.85 -1.62 -2.57
CA CYS A 71 -0.79 -2.50 -3.03
C CYS A 71 0.40 -2.46 -2.09
N CYS A 72 0.90 -1.26 -1.83
CA CYS A 72 2.19 -1.10 -1.15
C CYS A 72 2.14 -1.31 0.36
N SER A 73 0.96 -1.27 0.93
CA SER A 73 0.82 -1.48 2.36
C SER A 73 0.45 -2.93 2.66
N SER A 74 0.47 -3.78 1.64
CA SER A 74 0.13 -5.18 1.83
C SER A 74 1.07 -6.14 1.09
N LEU A 75 0.67 -6.60 -0.08
CA LEU A 75 1.40 -7.66 -0.76
C LEU A 75 2.34 -7.20 -1.88
N GLY A 76 2.26 -5.95 -2.28
CA GLY A 76 3.07 -5.50 -3.40
C GLY A 76 4.52 -5.28 -3.07
N ALA A 77 5.42 -5.62 -4.00
CA ALA A 77 6.82 -5.25 -3.87
C ALA A 77 7.06 -3.89 -4.52
N ALA A 78 6.25 -3.59 -5.52
CA ALA A 78 6.37 -2.33 -6.25
C ALA A 78 5.06 -2.00 -6.95
N TRP A 79 4.99 -0.80 -7.50
CA TRP A 79 3.74 -0.34 -8.09
C TRP A 79 3.97 0.60 -9.25
N GLY A 80 3.14 0.49 -10.27
CA GLY A 80 3.12 1.39 -11.41
C GLY A 80 4.06 1.06 -12.55
N SER A 81 4.01 1.96 -13.49
N SER A 81 4.04 1.91 -13.58
CA SER A 81 4.93 1.86 -14.60
CA SER A 81 5.02 1.87 -14.66
C SER A 81 5.30 3.26 -15.10
C SER A 81 5.36 3.30 -15.08
N PRO A 82 6.63 3.67 -14.98
CA PRO A 82 7.65 2.79 -14.43
C PRO A 82 7.34 2.58 -12.97
N CYS A 83 7.90 1.53 -12.39
CA CYS A 83 7.55 1.18 -11.02
C CYS A 83 8.44 1.84 -9.98
N THR A 84 7.91 2.00 -8.78
CA THR A 84 8.72 2.37 -7.62
C THR A 84 8.47 1.37 -6.51
N LEU A 85 9.48 1.17 -5.66
CA LEU A 85 9.39 0.14 -4.63
C LEU A 85 8.37 0.54 -3.58
N CYS A 86 7.61 -0.43 -3.11
CA CYS A 86 6.63 -0.22 -2.07
C CYS A 86 7.27 -0.04 -0.72
N GLN A 87 6.68 0.85 0.08
CA GLN A 87 7.00 1.01 1.48
C GLN A 87 5.67 1.02 2.23
N VAL A 88 5.57 0.27 3.32
CA VAL A 88 4.32 0.31 4.10
C VAL A 88 4.17 1.68 4.74
N ASP A 89 2.93 2.03 5.09
CA ASP A 89 2.71 3.27 5.82
C ASP A 89 3.53 3.23 7.11
N PRO A 90 4.30 4.31 7.37
CA PRO A 90 5.23 4.38 8.51
C PRO A 90 4.50 4.38 9.85
N ILE A 91 3.20 4.65 9.82
CA ILE A 91 2.38 4.73 11.03
C ILE A 91 1.57 3.45 11.23
N CYS A 92 1.00 2.94 10.15
CA CYS A 92 0.05 1.82 10.24
C CYS A 92 0.70 0.47 9.99
N GLY A 93 1.78 0.46 9.22
CA GLY A 93 2.48 -0.77 8.93
C GLY A 93 1.73 -1.72 8.01
N LYS A 94 2.31 -2.88 7.80
CA LYS A 94 1.81 -3.84 6.83
C LYS A 94 0.41 -4.35 7.15
N GLY A 95 -0.45 -4.41 6.13
CA GLY A 95 -1.79 -4.95 6.31
C GLY A 95 -2.84 -3.87 6.51
N TYR A 96 -2.40 -2.63 6.63
CA TYR A 96 -3.28 -1.51 6.91
C TYR A 96 -2.89 -0.31 6.04
N SER A 97 -3.84 0.57 5.78
CA SER A 97 -3.52 1.82 5.12
C SER A 97 -3.96 2.96 6.01
N ARG A 98 -3.30 4.10 5.87
CA ARG A 98 -3.61 5.25 6.70
C ARG A 98 -4.69 6.07 6.01
N ILE A 99 -5.74 6.43 6.74
CA ILE A 99 -6.83 7.18 6.12
C ILE A 99 -6.79 8.67 6.43
N LYS A 100 -6.70 9.01 7.71
N LYS A 100 -6.68 9.04 7.62
CA LYS A 100 -6.47 10.38 8.15
CA LYS A 100 -6.44 10.42 8.06
C LYS A 100 -5.79 10.33 9.52
C LYS A 100 -5.76 10.37 9.43
N GLY A 101 -5.09 11.40 9.89
CA GLY A 101 -4.40 11.38 11.17
C GLY A 101 -3.53 10.14 11.36
N THR A 102 -3.75 9.40 12.44
CA THR A 102 -3.02 8.16 12.69
C THR A 102 -3.99 6.98 12.60
N GLN A 103 -5.15 7.25 12.02
CA GLN A 103 -6.21 6.27 11.85
C GLN A 103 -5.83 5.28 10.75
N CYS A 104 -5.77 4.00 11.10
CA CYS A 104 -5.42 2.96 10.14
C CYS A 104 -6.65 2.12 9.80
N GLU A 105 -6.72 1.65 8.57
CA GLU A 105 -7.82 0.77 8.21
C GLU A 105 -7.31 -0.46 7.48
N ASP A 106 -7.98 -1.58 7.72
CA ASP A 106 -7.55 -2.83 7.15
C ASP A 106 -7.56 -2.79 5.61
N ILE A 107 -6.56 -3.44 5.02
CA ILE A 107 -6.57 -3.65 3.56
C ILE A 107 -7.18 -5.00 3.25
N ASP A 108 -8.07 -5.09 2.26
CA ASP A 108 -8.61 -6.39 1.89
C ASP A 108 -7.73 -7.06 0.84
N GLU A 109 -6.86 -7.96 1.29
CA GLU A 109 -5.89 -8.52 0.36
C GLU A 109 -6.56 -9.36 -0.74
N CYS A 110 -7.75 -9.86 -0.44
CA CYS A 110 -8.51 -10.67 -1.37
C CYS A 110 -8.94 -9.87 -2.58
N GLU A 111 -8.99 -8.55 -2.41
CA GLU A 111 -9.28 -7.62 -3.50
C GLU A 111 -8.00 -7.10 -4.18
N VAL A 112 -6.97 -6.85 -3.41
CA VAL A 112 -5.68 -6.45 -3.98
C VAL A 112 -5.16 -7.53 -4.93
N PHE A 113 -5.22 -8.78 -4.48
CA PHE A 113 -4.67 -9.88 -5.25
C PHE A 113 -5.71 -10.99 -5.38
N PRO A 114 -6.65 -10.82 -6.31
CA PRO A 114 -7.56 -11.92 -6.62
C PRO A 114 -6.70 -13.09 -7.08
N GLY A 115 -6.86 -14.24 -6.45
CA GLY A 115 -6.08 -15.40 -6.84
C GLY A 115 -4.83 -15.59 -6.00
N VAL A 116 -4.68 -14.83 -4.92
CA VAL A 116 -3.55 -15.01 -4.01
C VAL A 116 -3.53 -16.44 -3.45
N CYS A 117 -4.72 -16.98 -3.21
CA CYS A 117 -4.83 -18.37 -2.79
C CYS A 117 -4.97 -19.22 -4.05
N LYS A 118 -3.96 -20.05 -4.32
CA LYS A 118 -3.87 -20.72 -5.62
C LYS A 118 -5.03 -21.67 -5.90
N ASN A 119 -5.39 -22.47 -4.91
CA ASN A 119 -6.48 -23.44 -5.05
C ASN A 119 -7.41 -23.46 -3.85
N GLY A 120 -7.57 -22.31 -3.22
CA GLY A 120 -8.47 -22.17 -2.07
C GLY A 120 -9.27 -20.90 -2.15
N LEU A 121 -9.98 -20.57 -1.07
CA LEU A 121 -10.78 -19.35 -0.98
C LEU A 121 -10.06 -18.32 -0.12
N CYS A 122 -9.79 -17.15 -0.67
CA CYS A 122 -9.19 -16.08 0.12
C CYS A 122 -10.20 -15.54 1.13
N VAL A 123 -9.79 -15.41 2.37
CA VAL A 123 -10.67 -14.89 3.42
C VAL A 123 -9.93 -13.72 4.05
N ASN A 124 -10.52 -12.54 3.94
CA ASN A 124 -9.86 -11.37 4.54
C ASN A 124 -9.95 -11.41 6.06
N THR A 125 -8.91 -10.92 6.73
CA THR A 125 -8.96 -10.73 8.18
C THR A 125 -8.45 -9.33 8.49
N ARG A 126 -8.66 -8.83 9.70
CA ARG A 126 -8.16 -7.47 9.99
C ARG A 126 -6.65 -7.55 10.19
N GLY A 127 -5.89 -6.92 9.30
CA GLY A 127 -4.43 -6.94 9.40
C GLY A 127 -3.73 -8.02 8.59
N SER A 128 -4.47 -9.02 8.13
CA SER A 128 -3.88 -10.03 7.25
C SER A 128 -4.96 -10.64 6.39
N PHE A 129 -4.75 -11.89 5.99
CA PHE A 129 -5.76 -12.63 5.26
C PHE A 129 -5.37 -14.09 5.38
N LYS A 130 -6.26 -14.98 4.95
CA LYS A 130 -5.93 -16.38 5.00
C LYS A 130 -6.56 -17.14 3.86
N CYS A 131 -5.99 -18.27 3.54
CA CYS A 131 -6.55 -19.09 2.48
C CYS A 131 -7.31 -20.24 3.14
N GLN A 132 -8.58 -20.35 2.79
CA GLN A 132 -9.43 -21.42 3.31
C GLN A 132 -9.44 -22.55 2.29
N CYS A 133 -9.10 -23.74 2.75
CA CYS A 133 -8.94 -24.87 1.86
C CYS A 133 -10.21 -25.68 1.70
N PRO A 134 -10.33 -26.39 0.56
CA PRO A 134 -11.48 -27.28 0.41
C PRO A 134 -11.45 -28.34 1.51
N SER A 135 -12.61 -28.87 1.86
CA SER A 135 -12.73 -29.84 2.93
C SER A 135 -11.73 -30.98 2.77
N GLY A 136 -10.97 -31.27 3.83
CA GLY A 136 -10.02 -32.34 3.83
C GLY A 136 -8.61 -31.94 3.42
N MET A 137 -8.47 -30.69 2.98
CA MET A 137 -7.18 -30.19 2.55
C MET A 137 -6.62 -29.22 3.58
N THR A 138 -5.29 -29.12 3.61
CA THR A 138 -4.61 -28.24 4.55
C THR A 138 -3.57 -27.39 3.83
N LEU A 139 -3.07 -26.35 4.50
CA LEU A 139 -2.17 -25.41 3.86
C LEU A 139 -0.73 -25.90 3.82
N ASP A 140 -0.03 -25.46 2.78
CA ASP A 140 1.41 -25.62 2.71
C ASP A 140 2.08 -24.61 3.64
N ALA A 141 3.41 -24.64 3.66
CA ALA A 141 4.19 -23.74 4.52
C ALA A 141 3.99 -22.25 4.21
N THR A 142 3.78 -21.91 2.94
CA THR A 142 3.61 -20.51 2.54
C THR A 142 2.23 -19.96 2.85
N GLY A 143 1.28 -20.87 3.11
CA GLY A 143 -0.07 -20.51 3.44
C GLY A 143 -0.94 -20.16 2.24
N ARG A 144 -0.37 -20.26 1.04
CA ARG A 144 -1.13 -19.94 -0.17
C ARG A 144 -1.59 -21.14 -1.01
N ILE A 145 -1.18 -22.33 -0.64
CA ILE A 145 -1.49 -23.51 -1.42
C ILE A 145 -2.15 -24.59 -0.59
N CYS A 146 -3.23 -25.15 -1.09
CA CYS A 146 -3.94 -26.19 -0.36
C CYS A 146 -3.54 -27.59 -0.83
N LEU A 147 -3.42 -28.52 0.11
CA LEU A 147 -3.09 -29.89 -0.26
C LEU A 147 -3.87 -30.93 0.55
CA CA B . 9.05 23.67 9.36
CA CA C . -6.74 -7.73 5.57
I IOD D . -15.45 -27.84 -0.12
I IOD E . -7.01 -2.01 -4.59
I IOD F . 16.46 -5.16 -15.98
#